data_9GXH
#
_entry.id   9GXH
#
_cell.length_a   36.284
_cell.length_b   59.331
_cell.length_c   70.625
_cell.angle_alpha   90.00
_cell.angle_beta   95.79
_cell.angle_gamma   90.00
#
_symmetry.space_group_name_H-M   'P 1 21 1'
#
loop_
_entity.id
_entity.type
_entity.pdbx_description
1 polymer Nanobody
2 polymer 'Thrombin-binding aptamer (TBA)'
3 non-polymer 'POTASSIUM ION'
4 non-polymer 1,2-ETHANEDIOL
5 water water
#
loop_
_entity_poly.entity_id
_entity_poly.type
_entity_poly.pdbx_seq_one_letter_code
_entity_poly.pdbx_strand_id
1 'polypeptide(L)'
;QVQLQESGGGLVQAGGSLRLSCAASGSRFSSNTMTWYRQAPGKQREWVATMRSIGTTRYASSVEGRFTLSRDNAKNTVYL
QMNSLKPEDTAVYYCNLRRGGGIYWGQGTQVTVSSHHHHHH
;
A,B
2 'polydeoxyribonucleotide' (DG)(DG)(DT)(DT)(DG)(DG)(DT)(DG)(DT)(DG)(DG)(DT)(DT)(DG)(DG) C,D
#
loop_
_chem_comp.id
_chem_comp.type
_chem_comp.name
_chem_comp.formula
DG DNA linking 2'-DEOXYGUANOSINE-5'-MONOPHOSPHATE 'C10 H14 N5 O7 P'
DT DNA linking THYMIDINE-5'-MONOPHOSPHATE 'C10 H15 N2 O8 P'
EDO non-polymer 1,2-ETHANEDIOL 'C2 H6 O2'
K non-polymer 'POTASSIUM ION' 'K 1'
#
# COMPACT_ATOMS: atom_id res chain seq x y z
N GLN A 1 8.20 -9.09 -23.90
CA GLN A 1 8.39 -8.36 -22.64
C GLN A 1 7.35 -8.78 -21.60
N VAL A 2 6.77 -7.80 -20.91
CA VAL A 2 5.85 -8.04 -19.79
C VAL A 2 4.41 -7.86 -20.29
N GLN A 3 3.58 -8.84 -19.95
CA GLN A 3 2.17 -8.75 -20.33
C GLN A 3 1.29 -9.36 -19.25
N LEU A 4 0.17 -8.71 -18.96
CA LEU A 4 -0.83 -9.20 -18.03
C LEU A 4 -2.10 -9.52 -18.78
N GLN A 5 -2.70 -10.67 -18.47
CA GLN A 5 -3.92 -11.14 -19.12
C GLN A 5 -4.95 -11.41 -18.04
N GLU A 6 -6.04 -10.67 -18.07
CA GLU A 6 -7.17 -10.83 -17.16
C GLU A 6 -8.25 -11.71 -17.73
N SER A 7 -8.95 -12.42 -16.85
N SER A 7 -8.93 -12.45 -16.84
CA SER A 7 -10.06 -13.27 -17.27
CA SER A 7 -10.02 -13.32 -17.24
C SER A 7 -11.02 -13.44 -16.10
C SER A 7 -11.04 -13.37 -16.10
N GLY A 8 -12.25 -13.83 -16.43
CA GLY A 8 -13.25 -14.14 -15.43
C GLY A 8 -14.45 -13.22 -15.39
N GLY A 9 -14.47 -12.13 -16.18
CA GLY A 9 -15.58 -11.20 -16.14
C GLY A 9 -16.86 -11.78 -16.70
N GLY A 10 -17.97 -11.13 -16.37
CA GLY A 10 -19.26 -11.56 -16.88
C GLY A 10 -20.38 -11.05 -16.00
N LEU A 11 -21.54 -11.69 -16.15
CA LEU A 11 -22.75 -11.29 -15.46
C LEU A 11 -23.06 -12.28 -14.33
N VAL A 12 -23.40 -11.74 -13.16
N VAL A 12 -23.42 -11.74 -13.16
CA VAL A 12 -23.72 -12.56 -12.00
CA VAL A 12 -23.67 -12.54 -11.96
C VAL A 12 -24.85 -11.89 -11.23
C VAL A 12 -24.76 -11.87 -11.13
N GLN A 13 -25.55 -12.69 -10.43
CA GLN A 13 -26.63 -12.20 -9.60
C GLN A 13 -26.07 -11.63 -8.30
N ALA A 14 -26.75 -10.61 -7.76
CA ALA A 14 -26.39 -10.10 -6.44
C ALA A 14 -26.37 -11.24 -5.42
N GLY A 15 -25.40 -11.18 -4.50
CA GLY A 15 -25.15 -12.22 -3.54
C GLY A 15 -24.24 -13.33 -4.05
N GLY A 16 -24.02 -13.40 -5.35
CA GLY A 16 -23.18 -14.42 -5.94
C GLY A 16 -21.70 -14.13 -5.73
N SER A 17 -20.88 -15.02 -6.29
N SER A 17 -20.89 -15.02 -6.28
CA SER A 17 -19.44 -14.99 -6.12
CA SER A 17 -19.44 -14.91 -6.16
C SER A 17 -18.77 -15.36 -7.44
C SER A 17 -18.81 -15.27 -7.50
N LEU A 18 -17.60 -14.77 -7.71
CA LEU A 18 -16.80 -15.13 -8.87
C LEU A 18 -15.35 -14.76 -8.58
N ARG A 19 -14.46 -15.26 -9.43
CA ARG A 19 -13.03 -15.06 -9.23
C ARG A 19 -12.45 -14.47 -10.51
N LEU A 20 -11.70 -13.38 -10.38
CA LEU A 20 -10.91 -12.85 -11.48
C LEU A 20 -9.48 -13.34 -11.42
N SER A 21 -8.90 -13.62 -12.57
N SER A 21 -8.89 -13.59 -12.58
CA SER A 21 -7.50 -14.00 -12.66
CA SER A 21 -7.50 -14.02 -12.68
C SER A 21 -6.70 -12.92 -13.39
C SER A 21 -6.69 -12.96 -13.42
N CYS A 22 -5.46 -12.75 -12.96
CA CYS A 22 -4.49 -11.86 -13.60
C CYS A 22 -3.23 -12.68 -13.82
N ALA A 23 -2.96 -13.09 -15.06
CA ALA A 23 -1.84 -13.94 -15.39
C ALA A 23 -0.71 -13.12 -16.01
N ALA A 24 0.50 -13.27 -15.48
CA ALA A 24 1.62 -12.47 -15.93
C ALA A 24 2.60 -13.29 -16.75
N SER A 25 3.23 -12.61 -17.73
CA SER A 25 4.31 -13.16 -18.54
C SER A 25 5.42 -12.12 -18.66
N GLY A 26 6.66 -12.57 -18.50
CA GLY A 26 7.80 -11.69 -18.63
C GLY A 26 8.31 -11.11 -17.34
N SER A 27 7.60 -11.31 -16.23
CA SER A 27 7.96 -10.80 -14.92
C SER A 27 7.11 -11.53 -13.89
N ARG A 28 7.67 -11.75 -12.70
CA ARG A 28 7.01 -12.54 -11.68
C ARG A 28 6.25 -11.63 -10.71
N PHE A 29 5.03 -12.02 -10.36
CA PHE A 29 4.31 -11.29 -9.32
C PHE A 29 5.14 -11.26 -8.03
N SER A 30 5.85 -12.34 -7.75
CA SER A 30 6.63 -12.42 -6.53
CA SER A 30 6.64 -12.41 -6.54
C SER A 30 7.82 -11.45 -6.52
N SER A 31 8.02 -10.67 -7.58
CA SER A 31 9.14 -9.74 -7.64
C SER A 31 8.75 -8.29 -7.34
N ASN A 32 7.45 -8.05 -7.36
CA ASN A 32 7.00 -6.64 -7.35
C ASN A 32 5.59 -6.48 -6.74
N THR A 33 5.16 -5.23 -6.62
CA THR A 33 3.82 -4.94 -6.14
C THR A 33 2.80 -5.03 -7.28
N MET A 34 1.68 -5.73 -7.03
CA MET A 34 0.58 -5.82 -7.98
C MET A 34 -0.66 -5.19 -7.35
N THR A 35 -1.49 -4.52 -8.17
CA THR A 35 -2.67 -3.84 -7.66
C THR A 35 -3.90 -4.11 -8.53
N TRP A 36 -5.08 -4.12 -7.89
CA TRP A 36 -6.34 -4.15 -8.61
C TRP A 36 -7.04 -2.81 -8.44
N TYR A 37 -7.65 -2.32 -9.52
CA TYR A 37 -8.50 -1.14 -9.53
C TYR A 37 -9.82 -1.51 -10.19
N ARG A 38 -10.82 -0.67 -9.99
CA ARG A 38 -12.06 -0.87 -10.74
C ARG A 38 -12.57 0.49 -11.17
N GLN A 39 -13.35 0.48 -12.26
CA GLN A 39 -13.88 1.71 -12.84
C GLN A 39 -15.36 1.46 -13.04
N ALA A 40 -16.19 1.99 -12.13
CA ALA A 40 -17.63 1.81 -12.19
C ALA A 40 -18.23 2.79 -13.19
N PRO A 41 -19.48 2.55 -13.63
CA PRO A 41 -20.06 3.38 -14.71
C PRO A 41 -19.98 4.90 -14.54
N GLY A 42 -20.43 5.44 -13.41
CA GLY A 42 -20.43 6.89 -13.22
C GLY A 42 -19.34 7.42 -12.31
N LYS A 43 -18.28 6.64 -12.13
CA LYS A 43 -17.27 6.95 -11.14
C LYS A 43 -15.86 7.02 -11.73
N GLN A 44 -14.98 7.64 -10.95
CA GLN A 44 -13.55 7.61 -11.20
C GLN A 44 -12.99 6.25 -10.82
N ARG A 45 -11.80 5.96 -11.34
CA ARG A 45 -11.12 4.72 -11.02
C ARG A 45 -10.79 4.68 -9.53
N GLU A 46 -11.02 3.54 -8.89
CA GLU A 46 -10.77 3.43 -7.46
C GLU A 46 -9.94 2.20 -7.13
N TRP A 47 -9.06 2.35 -6.16
CA TRP A 47 -8.28 1.21 -5.67
C TRP A 47 -9.18 0.13 -5.08
N VAL A 48 -8.81 -1.13 -5.33
CA VAL A 48 -9.51 -2.28 -4.79
C VAL A 48 -8.64 -3.09 -3.83
N ALA A 49 -7.42 -3.45 -4.25
CA ALA A 49 -6.56 -4.30 -3.43
C ALA A 49 -5.12 -4.26 -3.95
N THR A 50 -4.19 -4.60 -3.05
CA THR A 50 -2.78 -4.67 -3.38
C THR A 50 -2.16 -5.93 -2.79
N MET A 51 -1.28 -6.57 -3.55
CA MET A 51 -0.44 -7.64 -3.01
C MET A 51 1.03 -7.32 -3.28
N ARG A 52 1.84 -7.28 -2.22
CA ARG A 52 3.25 -6.99 -2.38
C ARG A 52 4.02 -8.22 -2.87
N SER A 53 5.27 -8.00 -3.26
CA SER A 53 6.11 -9.11 -3.68
C SER A 53 6.10 -10.23 -2.65
N ILE A 54 6.13 -9.88 -1.35
CA ILE A 54 6.18 -10.87 -0.29
C ILE A 54 4.83 -11.53 0.00
N GLY A 55 3.77 -11.12 -0.69
CA GLY A 55 2.48 -11.77 -0.56
C GLY A 55 1.51 -11.10 0.38
N THR A 56 1.92 -10.02 1.05
CA THR A 56 1.03 -9.33 1.99
C THR A 56 -0.03 -8.55 1.23
N THR A 57 -1.21 -8.42 1.82
CA THR A 57 -2.37 -7.88 1.12
C THR A 57 -3.06 -6.74 1.88
N ARG A 58 -3.56 -5.79 1.11
CA ARG A 58 -4.39 -4.71 1.63
CA ARG A 58 -4.38 -4.70 1.62
C ARG A 58 -5.62 -4.56 0.75
N TYR A 59 -6.73 -4.20 1.40
CA TYR A 59 -8.01 -4.11 0.71
C TYR A 59 -8.70 -2.80 1.02
N ALA A 60 -9.44 -2.29 0.01
CA ALA A 60 -10.26 -1.09 0.16
C ALA A 60 -11.44 -1.32 1.11
N SER A 61 -11.89 -0.24 1.74
N SER A 61 -11.86 -0.24 1.77
CA SER A 61 -12.98 -0.34 2.69
CA SER A 61 -13.00 -0.32 2.69
C SER A 61 -14.26 -0.83 2.04
C SER A 61 -14.21 -0.93 2.01
N SER A 62 -14.46 -0.56 0.74
CA SER A 62 -15.68 -1.00 0.09
C SER A 62 -15.71 -2.49 -0.22
N VAL A 63 -14.58 -3.19 -0.17
CA VAL A 63 -14.57 -4.62 -0.47
C VAL A 63 -14.02 -5.48 0.66
N GLU A 64 -13.51 -4.89 1.73
CA GLU A 64 -12.88 -5.70 2.77
C GLU A 64 -13.89 -6.70 3.34
N GLY A 65 -13.41 -7.90 3.64
CA GLY A 65 -14.27 -8.95 4.12
C GLY A 65 -15.03 -9.70 3.05
N ARG A 66 -15.12 -9.16 1.84
CA ARG A 66 -15.78 -9.81 0.71
C ARG A 66 -14.83 -10.26 -0.38
N PHE A 67 -13.77 -9.49 -0.65
CA PHE A 67 -12.80 -9.78 -1.70
C PHE A 67 -11.49 -10.26 -1.05
N THR A 68 -10.90 -11.29 -1.67
N THR A 68 -10.87 -11.29 -1.64
CA THR A 68 -9.64 -11.87 -1.23
CA THR A 68 -9.58 -11.73 -1.14
C THR A 68 -8.66 -11.97 -2.40
C THR A 68 -8.64 -12.10 -2.28
N LEU A 69 -7.38 -11.77 -2.11
CA LEU A 69 -6.29 -11.99 -3.06
CA LEU A 69 -6.33 -12.02 -3.09
C LEU A 69 -5.55 -13.28 -2.73
N SER A 70 -5.17 -14.02 -3.76
CA SER A 70 -4.25 -15.13 -3.55
C SER A 70 -3.38 -15.22 -4.78
N ARG A 71 -2.27 -15.94 -4.65
CA ARG A 71 -1.28 -16.01 -5.72
C ARG A 71 -0.80 -17.43 -5.89
N ASP A 72 -0.65 -17.85 -7.15
CA ASP A 72 -0.07 -19.14 -7.53
C ASP A 72 1.24 -18.83 -8.25
N ASN A 73 2.37 -19.05 -7.58
CA ASN A 73 3.65 -18.69 -8.17
C ASN A 73 3.99 -19.58 -9.35
N ALA A 74 3.63 -20.86 -9.28
CA ALA A 74 3.98 -21.79 -10.36
C ALA A 74 3.26 -21.42 -11.64
N LYS A 75 2.10 -20.77 -11.53
CA LYS A 75 1.35 -20.34 -12.70
C LYS A 75 1.51 -18.85 -12.92
N ASN A 76 2.32 -18.18 -12.09
CA ASN A 76 2.53 -16.73 -12.13
C ASN A 76 1.21 -16.00 -12.33
N THR A 77 0.23 -16.31 -11.49
CA THR A 77 -1.11 -15.75 -11.62
C THR A 77 -1.61 -15.32 -10.25
N VAL A 78 -2.32 -14.20 -10.22
CA VAL A 78 -2.95 -13.69 -9.01
C VAL A 78 -4.45 -13.74 -9.20
N TYR A 79 -5.17 -14.09 -8.13
CA TYR A 79 -6.63 -14.25 -8.16
C TYR A 79 -7.29 -13.29 -7.20
N LEU A 80 -8.37 -12.68 -7.65
CA LEU A 80 -9.22 -11.83 -6.82
C LEU A 80 -10.55 -12.56 -6.65
N GLN A 81 -10.76 -13.16 -5.47
CA GLN A 81 -12.02 -13.82 -5.17
C GLN A 81 -13.01 -12.77 -4.71
N MET A 82 -14.14 -12.67 -5.40
CA MET A 82 -15.11 -11.60 -5.14
C MET A 82 -16.41 -12.23 -4.67
N ASN A 83 -16.64 -12.23 -3.35
CA ASN A 83 -17.82 -12.85 -2.75
C ASN A 83 -18.87 -11.81 -2.40
N SER A 84 -20.10 -12.30 -2.17
CA SER A 84 -21.22 -11.47 -1.72
C SER A 84 -21.37 -10.23 -2.58
N LEU A 85 -21.42 -10.43 -3.90
CA LEU A 85 -21.39 -9.30 -4.81
C LEU A 85 -22.65 -8.45 -4.68
N LYS A 86 -22.50 -7.14 -4.93
CA LYS A 86 -23.55 -6.12 -4.89
C LYS A 86 -23.62 -5.40 -6.23
N PRO A 87 -24.79 -4.85 -6.60
CA PRO A 87 -24.83 -4.06 -7.85
C PRO A 87 -23.83 -2.92 -7.85
N GLU A 88 -23.48 -2.40 -6.68
CA GLU A 88 -22.44 -1.39 -6.58
C GLU A 88 -21.06 -1.92 -6.98
N ASP A 89 -20.90 -3.23 -7.14
CA ASP A 89 -19.62 -3.79 -7.60
C ASP A 89 -19.49 -3.84 -9.12
N THR A 90 -20.53 -3.47 -9.86
CA THR A 90 -20.44 -3.46 -11.32
C THR A 90 -19.37 -2.48 -11.78
N ALA A 91 -18.42 -2.96 -12.56
CA ALA A 91 -17.32 -2.10 -12.99
C ALA A 91 -16.42 -2.88 -13.93
N VAL A 92 -15.52 -2.16 -14.58
CA VAL A 92 -14.37 -2.79 -15.22
C VAL A 92 -13.26 -2.94 -14.19
N TYR A 93 -12.74 -4.16 -14.05
CA TYR A 93 -11.68 -4.46 -13.09
C TYR A 93 -10.36 -4.57 -13.83
N TYR A 94 -9.34 -3.89 -13.30
CA TYR A 94 -7.99 -3.88 -13.88
C TYR A 94 -7.01 -4.47 -12.87
N CYS A 95 -5.99 -5.15 -13.37
CA CYS A 95 -4.85 -5.48 -12.55
C CYS A 95 -3.61 -4.86 -13.19
N ASN A 96 -2.63 -4.58 -12.36
CA ASN A 96 -1.34 -4.11 -12.88
C ASN A 96 -0.23 -4.69 -12.02
N LEU A 97 0.99 -4.60 -12.56
CA LEU A 97 2.18 -5.13 -11.93
C LEU A 97 3.31 -4.13 -12.14
N ARG A 98 4.03 -3.83 -11.08
CA ARG A 98 5.20 -2.95 -11.26
C ARG A 98 6.38 -3.81 -11.66
N ARG A 99 7.24 -3.24 -12.47
CA ARG A 99 8.49 -3.89 -12.85
C ARG A 99 9.49 -2.77 -13.12
N GLY A 100 10.52 -2.69 -12.29
CA GLY A 100 11.46 -1.60 -12.43
C GLY A 100 10.72 -0.27 -12.37
N GLY A 101 11.07 0.63 -13.29
CA GLY A 101 10.42 1.93 -13.37
C GLY A 101 9.13 1.96 -14.17
N GLY A 102 8.60 0.81 -14.56
CA GLY A 102 7.37 0.77 -15.32
C GLY A 102 6.23 0.10 -14.59
N ILE A 103 5.01 0.31 -15.08
CA ILE A 103 3.81 -0.34 -14.57
C ILE A 103 3.10 -0.97 -15.75
N TYR A 104 2.76 -2.25 -15.62
CA TYR A 104 2.12 -3.00 -16.71
C TYR A 104 0.71 -3.41 -16.32
N TRP A 105 -0.20 -3.26 -17.26
CA TRP A 105 -1.64 -3.31 -17.02
C TRP A 105 -2.27 -4.43 -17.81
N GLY A 106 -3.21 -5.13 -17.18
CA GLY A 106 -4.09 -6.02 -17.92
C GLY A 106 -5.09 -5.21 -18.73
N GLN A 107 -5.83 -5.92 -19.59
CA GLN A 107 -6.72 -5.28 -20.53
C GLN A 107 -8.03 -4.83 -19.89
N GLY A 108 -8.32 -5.24 -18.66
CA GLY A 108 -9.58 -4.91 -18.03
C GLY A 108 -10.65 -5.94 -18.32
N THR A 109 -11.53 -6.21 -17.35
CA THR A 109 -12.59 -7.18 -17.57
C THR A 109 -13.83 -6.69 -16.85
N GLN A 110 -14.97 -6.78 -17.53
CA GLN A 110 -16.23 -6.23 -17.01
C GLN A 110 -16.90 -7.23 -16.09
N VAL A 111 -17.27 -6.77 -14.90
CA VAL A 111 -18.12 -7.52 -13.98
C VAL A 111 -19.42 -6.75 -13.82
N THR A 112 -20.54 -7.41 -14.08
CA THR A 112 -21.87 -6.82 -13.96
C THR A 112 -22.66 -7.65 -12.96
N VAL A 113 -23.16 -7.00 -11.91
CA VAL A 113 -23.93 -7.64 -10.86
C VAL A 113 -25.39 -7.16 -10.95
N SER A 114 -26.29 -8.10 -11.21
CA SER A 114 -27.70 -7.76 -11.36
C SER A 114 -28.32 -7.53 -10.00
N SER A 115 -29.28 -6.62 -9.95
CA SER A 115 -30.02 -6.35 -8.72
C SER A 115 -30.89 -7.55 -8.35
N HIS A 116 -31.10 -7.72 -7.04
CA HIS A 116 -31.95 -8.80 -6.53
C HIS A 116 -33.42 -8.57 -6.91
N GLN B 3 8.83 5.18 26.66
CA GLN B 3 10.23 4.85 26.41
C GLN B 3 10.68 5.42 25.07
N LEU B 4 9.72 5.68 24.18
CA LEU B 4 9.96 6.42 22.94
C LEU B 4 9.20 7.73 22.98
N GLN B 5 9.88 8.79 22.58
CA GLN B 5 9.27 10.12 22.54
C GLN B 5 9.40 10.69 21.13
N GLU B 6 8.29 10.84 20.41
CA GLU B 6 8.27 11.47 19.10
C GLU B 6 8.00 12.95 19.24
N SER B 7 8.58 13.74 18.34
CA SER B 7 8.27 15.16 18.28
C SER B 7 8.48 15.65 16.86
N GLY B 8 7.97 16.86 16.60
CA GLY B 8 8.21 17.56 15.36
C GLY B 8 6.99 17.76 14.48
N GLY B 9 5.83 17.21 14.86
CA GLY B 9 4.66 17.32 14.01
C GLY B 9 4.12 18.74 13.92
N GLY B 10 3.28 18.97 12.92
CA GLY B 10 2.69 20.28 12.75
C GLY B 10 2.23 20.50 11.33
N LEU B 11 2.05 21.77 11.00
CA LEU B 11 1.53 22.22 9.72
C LEU B 11 2.65 22.82 8.88
N VAL B 12 2.68 22.46 7.61
CA VAL B 12 3.68 22.93 6.67
C VAL B 12 3.01 23.10 5.30
N GLN B 13 3.46 24.10 4.55
CA GLN B 13 2.97 24.27 3.19
C GLN B 13 3.53 23.21 2.26
N ALA B 14 2.77 22.85 1.24
CA ALA B 14 3.28 21.98 0.20
C ALA B 14 4.59 22.55 -0.34
N GLY B 15 5.55 21.66 -0.60
CA GLY B 15 6.89 22.06 -0.98
C GLY B 15 7.81 22.33 0.20
N GLY B 16 7.26 22.48 1.40
CA GLY B 16 8.04 22.73 2.59
C GLY B 16 8.74 21.48 3.12
N SER B 17 9.39 21.65 4.27
CA SER B 17 10.15 20.57 4.86
C SER B 17 10.08 20.67 6.38
N LEU B 18 10.22 19.52 7.03
CA LEU B 18 10.29 19.45 8.49
C LEU B 18 10.97 18.14 8.86
N ARG B 19 11.34 18.02 10.12
CA ARG B 19 12.06 16.85 10.63
C ARG B 19 11.29 16.26 11.81
N LEU B 20 11.05 14.95 11.76
CA LEU B 20 10.51 14.25 12.94
C LEU B 20 11.62 13.62 13.76
N SER B 21 11.43 13.58 15.08
CA SER B 21 12.40 13.01 16.00
C SER B 21 11.79 11.83 16.74
N CYS B 22 12.59 10.79 16.94
CA CYS B 22 12.21 9.65 17.77
C CYS B 22 13.36 9.41 18.75
N ALA B 23 13.17 9.83 19.99
CA ALA B 23 14.19 9.73 21.01
C ALA B 23 13.89 8.56 21.95
N ALA B 24 14.87 7.69 22.13
CA ALA B 24 14.72 6.47 22.93
C ALA B 24 15.49 6.57 24.25
N SER B 25 14.96 5.90 25.26
CA SER B 25 15.63 5.80 26.56
C SER B 25 17.10 5.42 26.42
N ASN B 32 19.41 -1.40 17.78
CA ASN B 32 18.40 -0.35 17.89
C ASN B 32 17.79 -0.02 16.53
N THR B 33 16.97 -0.93 15.99
CA THR B 33 16.34 -0.67 14.70
C THR B 33 15.10 0.19 14.89
N MET B 34 15.00 1.27 14.13
CA MET B 34 13.86 2.17 14.22
C MET B 34 13.06 2.10 12.92
N THR B 35 11.74 2.00 13.05
CA THR B 35 10.88 1.89 11.88
C THR B 35 9.83 2.98 12.02
N TRP B 36 9.49 3.58 10.89
CA TRP B 36 8.47 4.62 10.84
C TRP B 36 7.27 4.12 10.04
N TYR B 37 6.08 4.45 10.50
CA TYR B 37 4.82 4.20 9.82
C TYR B 37 4.03 5.49 9.69
N ARG B 38 3.08 5.52 8.77
CA ARG B 38 2.16 6.63 8.73
C ARG B 38 0.77 6.14 8.34
N GLN B 39 -0.24 6.88 8.78
CA GLN B 39 -1.63 6.58 8.42
C GLN B 39 -2.28 7.87 7.95
N ALA B 40 -2.49 7.96 6.64
CA ALA B 40 -3.12 9.12 6.06
C ALA B 40 -4.63 9.03 6.19
N PRO B 41 -5.32 10.17 6.07
CA PRO B 41 -6.78 10.15 6.17
C PRO B 41 -7.38 9.17 5.18
N GLY B 42 -8.30 8.35 5.68
CA GLY B 42 -9.00 7.37 4.86
C GLY B 42 -8.14 6.23 4.35
N LYS B 43 -6.92 6.07 4.87
CA LYS B 43 -6.03 5.00 4.45
C LYS B 43 -5.58 4.22 5.67
N GLN B 44 -5.22 2.96 5.46
CA GLN B 44 -4.64 2.13 6.51
C GLN B 44 -3.17 2.46 6.72
N ARG B 45 -2.68 2.05 7.87
CA ARG B 45 -1.30 2.35 8.23
C ARG B 45 -0.34 1.63 7.30
N GLU B 46 0.71 2.34 6.88
CA GLU B 46 1.73 1.82 5.98
C GLU B 46 3.12 2.06 6.51
N TRP B 47 4.00 1.09 6.30
CA TRP B 47 5.43 1.27 6.52
C TRP B 47 5.95 2.40 5.64
N VAL B 48 6.78 3.27 6.20
CA VAL B 48 7.38 4.39 5.47
CA VAL B 48 7.38 4.37 5.45
C VAL B 48 8.89 4.25 5.34
N ALA B 49 9.58 3.88 6.41
CA ALA B 49 11.03 3.82 6.36
C ALA B 49 11.54 3.07 7.57
N THR B 50 12.75 2.52 7.43
CA THR B 50 13.45 1.85 8.53
C THR B 50 14.90 2.31 8.57
N MET B 51 15.38 2.60 9.77
N MET B 51 15.38 2.56 9.78
CA MET B 51 16.80 2.79 10.02
CA MET B 51 16.80 2.80 10.06
C MET B 51 17.28 1.58 10.80
C MET B 51 17.31 1.58 10.82
N ARG B 52 18.08 0.74 10.15
CA ARG B 52 18.58 -0.47 10.77
C ARG B 52 19.66 -0.12 11.79
N SER B 53 19.78 -0.96 12.83
CA SER B 53 20.80 -0.76 13.84
C SER B 53 22.19 -0.66 13.21
N ILE B 54 22.44 -1.44 12.15
CA ILE B 54 23.75 -1.45 11.52
C ILE B 54 24.02 -0.19 10.70
N GLY B 55 23.00 0.67 10.55
CA GLY B 55 23.12 1.95 9.90
C GLY B 55 22.55 2.05 8.49
N THR B 56 22.15 0.95 7.88
CA THR B 56 21.52 1.03 6.56
C THR B 56 20.09 1.52 6.69
N THR B 57 19.59 2.12 5.60
CA THR B 57 18.26 2.73 5.60
C THR B 57 17.47 2.19 4.41
N ARG B 58 16.16 2.11 4.58
CA ARG B 58 15.29 1.78 3.44
C ARG B 58 14.03 2.61 3.53
N TYR B 59 13.43 2.91 2.37
CA TYR B 59 12.33 3.85 2.28
C TYR B 59 11.27 3.33 1.31
N ALA B 60 10.02 3.70 1.58
CA ALA B 60 8.95 3.42 0.63
C ALA B 60 9.17 4.21 -0.66
N SER B 61 8.76 3.64 -1.80
CA SER B 61 9.04 4.28 -3.08
C SER B 61 8.37 5.63 -3.21
N SER B 62 7.21 5.83 -2.55
CA SER B 62 6.52 7.10 -2.63
C SER B 62 7.26 8.25 -1.94
N VAL B 63 8.22 7.95 -1.06
CA VAL B 63 8.97 8.97 -0.35
C VAL B 63 10.46 8.93 -0.65
N GLU B 64 10.92 7.97 -1.45
CA GLU B 64 12.35 7.87 -1.75
C GLU B 64 12.84 9.14 -2.41
N GLY B 65 14.04 9.57 -2.03
CA GLY B 65 14.61 10.81 -2.51
C GLY B 65 14.14 12.06 -1.80
N ARG B 66 13.02 11.99 -1.07
CA ARG B 66 12.50 13.13 -0.31
C ARG B 66 12.66 12.98 1.18
N PHE B 67 12.56 11.76 1.69
CA PHE B 67 12.71 11.48 3.11
C PHE B 67 14.08 10.85 3.35
N THR B 68 14.76 11.27 4.41
CA THR B 68 16.07 10.77 4.76
CA THR B 68 16.05 10.71 4.75
C THR B 68 16.11 10.47 6.25
N LEU B 69 16.70 9.33 6.61
CA LEU B 69 16.88 8.92 7.99
C LEU B 69 18.30 9.22 8.43
N SER B 70 18.45 9.63 9.68
CA SER B 70 19.77 9.74 10.30
C SER B 70 19.60 9.53 11.80
N ARG B 71 20.72 9.31 12.48
CA ARG B 71 20.68 9.08 13.92
C ARG B 71 21.77 9.93 14.55
N ASP B 72 21.47 10.44 15.74
CA ASP B 72 22.35 11.37 16.42
C ASP B 72 23.51 10.63 17.06
N ASN B 73 24.74 10.94 16.61
CA ASN B 73 25.90 10.20 17.05
C ASN B 73 26.11 10.31 18.56
N ALA B 74 25.79 11.46 19.15
CA ALA B 74 26.00 11.61 20.59
C ALA B 74 24.94 10.91 21.44
N LYS B 75 23.68 10.89 20.99
CA LYS B 75 22.64 10.23 21.78
C LYS B 75 21.98 9.07 21.04
N ASN B 76 20.79 8.69 21.49
CA ASN B 76 20.04 7.58 20.95
C ASN B 76 18.77 8.07 20.30
N THR B 77 18.90 8.95 19.30
CA THR B 77 17.76 9.58 18.64
C THR B 77 17.88 9.42 17.13
N VAL B 78 16.77 9.11 16.48
CA VAL B 78 16.72 8.96 15.03
C VAL B 78 15.83 10.06 14.45
N TYR B 79 16.24 10.60 13.30
CA TYR B 79 15.52 11.69 12.66
C TYR B 79 15.01 11.23 11.31
N LEU B 80 13.78 11.59 11.01
CA LEU B 80 13.19 11.38 9.69
C LEU B 80 13.06 12.78 9.08
N GLN B 81 13.99 13.11 8.18
CA GLN B 81 13.96 14.39 7.48
C GLN B 81 12.98 14.28 6.32
N MET B 82 11.95 15.11 6.32
CA MET B 82 10.86 15.01 5.34
C MET B 82 10.84 16.28 4.51
N ASN B 83 11.44 16.23 3.33
CA ASN B 83 11.58 17.40 2.47
C ASN B 83 10.62 17.33 1.28
N SER B 84 10.43 18.50 0.64
CA SER B 84 9.61 18.62 -0.55
C SER B 84 8.25 17.94 -0.36
N LEU B 85 7.58 18.32 0.72
CA LEU B 85 6.37 17.64 1.13
C LEU B 85 5.23 17.89 0.14
N LYS B 86 4.34 16.91 0.03
CA LYS B 86 3.14 16.89 -0.81
C LYS B 86 1.93 16.69 0.08
N PRO B 87 0.75 17.16 -0.34
CA PRO B 87 -0.45 16.90 0.47
C PRO B 87 -0.68 15.43 0.74
N GLU B 88 -0.25 14.54 -0.16
CA GLU B 88 -0.35 13.11 0.09
C GLU B 88 0.52 12.65 1.24
N ASP B 89 1.43 13.49 1.74
CA ASP B 89 2.21 13.16 2.92
C ASP B 89 1.49 13.46 4.23
N THR B 90 0.31 14.09 4.16
CA THR B 90 -0.44 14.34 5.37
C THR B 90 -0.80 13.02 6.02
N ALA B 91 -0.45 12.86 7.30
CA ALA B 91 -0.68 11.59 7.99
C ALA B 91 -0.30 11.73 9.46
N VAL B 92 -0.76 10.76 10.25
CA VAL B 92 -0.20 10.52 11.58
C VAL B 92 1.02 9.63 11.40
N TYR B 93 2.18 10.09 11.88
CA TYR B 93 3.45 9.38 11.76
C TYR B 93 3.84 8.74 13.09
N TYR B 94 4.23 7.47 13.05
CA TYR B 94 4.67 6.71 14.20
C TYR B 94 6.11 6.26 14.04
N CYS B 95 6.84 6.14 15.14
CA CYS B 95 8.09 5.40 15.11
C CYS B 95 8.00 4.26 16.12
N ASN B 96 8.75 3.19 15.87
CA ASN B 96 8.86 2.15 16.88
C ASN B 96 10.30 1.63 16.87
N LEU B 97 10.67 0.96 17.96
CA LEU B 97 12.04 0.55 18.20
C LEU B 97 12.07 -0.91 18.61
N ARG B 98 12.86 -1.72 17.89
CA ARG B 98 13.14 -3.08 18.31
C ARG B 98 14.43 -3.09 19.12
N ARG B 99 14.37 -3.66 20.32
CA ARG B 99 15.56 -3.75 21.16
C ARG B 99 15.42 -4.97 22.07
N GLY B 100 16.30 -5.96 21.88
CA GLY B 100 16.32 -7.13 22.73
C GLY B 100 14.97 -7.81 22.88
N GLY B 101 14.38 -8.24 21.77
CA GLY B 101 13.11 -8.95 21.84
C GLY B 101 11.93 -8.10 22.24
N GLY B 102 12.08 -6.78 22.35
CA GLY B 102 10.95 -5.94 22.66
C GLY B 102 10.63 -4.99 21.52
N ILE B 103 9.40 -4.49 21.48
CA ILE B 103 8.98 -3.49 20.48
C ILE B 103 8.24 -2.37 21.21
N TYR B 104 8.73 -1.15 21.05
CA TYR B 104 8.19 0.01 21.74
C TYR B 104 7.75 1.04 20.72
N TRP B 105 6.63 1.70 20.99
CA TRP B 105 5.98 2.59 20.04
C TRP B 105 5.99 4.02 20.59
N GLY B 106 6.30 4.97 19.72
CA GLY B 106 6.12 6.37 20.04
C GLY B 106 4.65 6.73 20.01
N GLN B 107 4.35 7.95 20.49
CA GLN B 107 2.94 8.31 20.66
C GLN B 107 2.26 8.70 19.35
N GLY B 108 3.01 8.87 18.26
CA GLY B 108 2.42 9.29 17.02
C GLY B 108 2.34 10.80 16.96
N THR B 109 2.53 11.39 15.79
CA THR B 109 2.50 12.83 15.66
C THR B 109 1.89 13.21 14.32
N GLN B 110 1.03 14.24 14.32
CA GLN B 110 0.30 14.65 13.12
C GLN B 110 1.14 15.58 12.26
N VAL B 111 1.23 15.26 10.96
CA VAL B 111 1.82 16.14 9.96
C VAL B 111 0.74 16.52 8.96
N THR B 112 0.52 17.82 8.77
CA THR B 112 -0.48 18.32 7.83
C THR B 112 0.21 19.19 6.79
N VAL B 113 0.06 18.81 5.52
CA VAL B 113 0.65 19.57 4.41
C VAL B 113 -0.48 20.26 3.65
N SER B 114 -0.50 21.58 3.69
CA SER B 114 -1.57 22.35 3.06
C SER B 114 -1.31 22.58 1.58
N SER B 115 -2.41 22.63 0.82
CA SER B 115 -2.38 22.92 -0.62
C SER B 115 -1.66 21.83 -1.40
K K E . -30.44 -5.49 -12.70
C1 EDO F . -19.93 -8.41 -19.42
O1 EDO F . -19.73 -9.81 -19.64
C2 EDO F . -21.25 -8.19 -18.69
O2 EDO F . -21.65 -6.82 -18.82
K K G . 16.00 25.80 11.01
K K H . -2.55 -4.48 16.12
#